data_2B4E
#
_entry.id   2B4E
#
_cell.length_a   51.358
_cell.length_b   80.284
_cell.length_c   52.889
_cell.angle_alpha   90.00
_cell.angle_beta   111.92
_cell.angle_gamma   90.00
#
_symmetry.space_group_name_H-M   'P 1 21 1'
#
loop_
_entity.id
_entity.type
_entity.pdbx_description
1 polymer Coronin-1A
2 water water
#
_entity_poly.entity_id   1
_entity_poly.type   'polypeptide(L)'
_entity_poly.pdbx_seq_one_letter_code
;MSRQVVRSSKFRHVFGQPAKADQCYEDVRVSQTTWDSGFCAVNPKFMALICEASGGGAFLVLPLGKTGRVDKNVPLVCGH
TAPVLDIAWCPHNDNVIASGSEDCTVMVWEIPDGGLVLPLREPVITLEGHTKRVGIVAWHPTAQNVLLSAGCDNVILVWD
VGTGAAVLTLGPDVHPDTIYSVDWSRDGALICTSCRDKRVRVIEPRKGTVVAEKDRPHEGTRPVHAVFVSEGKILTTGFS
RMSERQVALWDTKHLEEPLSLQELDTSSGVLLPFFDPDTNIVYLCGKGDSSIRYFEITSEAPFLHYLSMFSSKESQRGMG
YMPKRGLEVNKCEIARFYKLHERKCEPIAMTVPRKSDLFQEDLYPPTAGPDPALTAEEWLGGRDAGPLLISLKDGYVPPK
SR
;
_entity_poly.pdbx_strand_id   A
#
# COMPACT_ATOMS: atom_id res chain seq x y z
N SER A 9 8.17 25.68 -1.97
CA SER A 9 8.28 24.22 -1.67
C SER A 9 9.67 23.67 -2.07
N LYS A 10 10.10 22.64 -1.36
CA LYS A 10 11.41 22.05 -1.61
C LYS A 10 11.30 20.78 -2.45
N PHE A 11 10.07 20.43 -2.77
CA PHE A 11 9.74 19.25 -3.57
C PHE A 11 9.28 19.61 -4.98
N ARG A 12 9.41 20.90 -5.33
CA ARG A 12 9.01 21.44 -6.66
C ARG A 12 9.69 20.76 -7.86
N HIS A 13 10.93 20.29 -7.68
CA HIS A 13 11.69 19.69 -8.78
C HIS A 13 11.93 18.20 -8.59
N VAL A 14 11.14 17.56 -7.72
CA VAL A 14 11.16 16.10 -7.59
C VAL A 14 10.98 15.48 -8.99
N PHE A 15 11.81 14.49 -9.32
CA PHE A 15 11.66 13.81 -10.61
C PHE A 15 11.81 12.29 -10.51
N GLY A 16 11.16 11.59 -11.43
CA GLY A 16 11.31 10.14 -11.52
C GLY A 16 12.44 9.81 -12.47
N GLN A 17 13.20 8.78 -12.12
CA GLN A 17 14.30 8.28 -12.93
C GLN A 17 14.28 6.74 -12.88
N PRO A 18 13.82 6.07 -13.97
CA PRO A 18 13.75 4.60 -13.96
C PRO A 18 15.14 3.98 -13.93
N ALA A 19 15.27 2.84 -13.24
CA ALA A 19 16.53 2.06 -13.23
C ALA A 19 16.93 1.69 -14.65
N LYS A 20 18.21 1.40 -14.84
CA LYS A 20 18.61 0.84 -16.10
C LYS A 20 18.07 -0.59 -16.21
N ALA A 21 17.96 -1.07 -17.44
CA ALA A 21 17.40 -2.37 -17.73
C ALA A 21 18.04 -3.50 -16.92
N ASP A 22 19.36 -3.50 -16.79
CA ASP A 22 20.04 -4.58 -16.06
C ASP A 22 19.91 -4.49 -14.53
N GLN A 23 19.13 -3.51 -14.06
CA GLN A 23 18.82 -3.43 -12.64
C GLN A 23 17.31 -3.66 -12.40
N CYS A 24 16.62 -4.10 -13.46
CA CYS A 24 15.21 -4.47 -13.40
C CYS A 24 15.07 -5.98 -13.21
N TYR A 25 13.84 -6.42 -12.96
CA TYR A 25 13.51 -7.84 -12.91
C TYR A 25 12.66 -8.20 -14.12
N GLU A 26 13.19 -9.07 -14.99
CA GLU A 26 12.57 -9.31 -16.29
C GLU A 26 12.18 -10.76 -16.52
N ASP A 27 11.29 -10.99 -17.49
CA ASP A 27 10.86 -12.34 -17.85
C ASP A 27 9.96 -12.97 -16.79
N VAL A 28 9.19 -12.12 -16.13
CA VAL A 28 8.25 -12.50 -15.10
C VAL A 28 6.82 -12.40 -15.63
N ARG A 29 6.01 -13.41 -15.29
CA ARG A 29 4.64 -13.49 -15.76
C ARG A 29 3.73 -12.83 -14.72
N VAL A 30 3.66 -11.50 -14.78
CA VAL A 30 2.79 -10.73 -13.90
C VAL A 30 1.31 -11.17 -14.02
N SER A 31 0.65 -11.32 -12.87
CA SER A 31 -0.75 -11.79 -12.82
C SER A 31 -1.69 -10.91 -13.63
N GLN A 32 -2.61 -11.58 -14.33
CA GLN A 32 -3.55 -10.94 -15.22
C GLN A 32 -4.89 -10.67 -14.53
N THR A 33 -5.00 -11.12 -13.28
CA THR A 33 -6.21 -10.92 -12.51
C THR A 33 -6.58 -9.44 -12.49
N THR A 34 -7.86 -9.17 -12.76
CA THR A 34 -8.37 -7.81 -12.69
C THR A 34 -8.79 -7.60 -11.25
N TRP A 35 -8.11 -6.66 -10.61
CA TRP A 35 -8.23 -6.37 -9.19
C TRP A 35 -7.45 -5.09 -8.95
N ASP A 36 -7.94 -4.24 -8.05
CA ASP A 36 -7.29 -2.95 -7.81
C ASP A 36 -6.20 -2.87 -6.71
N SER A 37 -5.60 -4.00 -6.32
CA SER A 37 -4.43 -3.92 -5.43
C SER A 37 -3.16 -3.65 -6.23
N GLY A 38 -2.08 -3.31 -5.53
CA GLY A 38 -0.78 -2.98 -6.13
C GLY A 38 -0.06 -4.06 -6.90
N PHE A 39 -0.28 -5.32 -6.53
CA PHE A 39 0.33 -6.49 -7.18
C PHE A 39 1.84 -6.64 -6.99
N CYS A 40 2.42 -5.68 -6.26
CA CYS A 40 3.85 -5.67 -5.99
C CYS A 40 4.05 -5.14 -4.59
N ALA A 41 4.87 -5.86 -3.81
CA ALA A 41 5.27 -5.41 -2.46
C ALA A 41 6.79 -5.57 -2.28
N VAL A 42 7.44 -4.49 -1.87
CA VAL A 42 8.92 -4.50 -1.74
C VAL A 42 9.38 -4.06 -0.35
N ASN A 43 10.51 -4.58 0.11
CA ASN A 43 11.13 -4.04 1.33
C ASN A 43 12.64 -4.05 1.15
N PRO A 44 13.41 -3.46 2.07
CA PRO A 44 14.87 -3.39 1.79
C PRO A 44 15.55 -4.72 1.47
N LYS A 45 14.87 -5.85 1.64
CA LYS A 45 15.53 -7.15 1.38
C LYS A 45 15.05 -7.86 0.12
N PHE A 46 13.74 -7.79 -0.14
CA PHE A 46 13.13 -8.56 -1.24
C PHE A 46 12.18 -7.75 -2.12
N MET A 47 12.02 -8.23 -3.34
CA MET A 47 10.97 -7.79 -4.24
C MET A 47 9.99 -8.95 -4.41
N ALA A 48 8.69 -8.65 -4.25
CA ALA A 48 7.62 -9.62 -4.49
C ALA A 48 6.58 -9.04 -5.40
N LEU A 49 6.13 -9.85 -6.33
CA LEU A 49 5.01 -9.51 -7.17
C LEU A 49 4.07 -10.71 -7.32
N ILE A 50 2.81 -10.44 -7.67
CA ILE A 50 1.81 -11.48 -7.89
C ILE A 50 1.92 -12.02 -9.33
N CYS A 51 2.02 -13.34 -9.46
CA CYS A 51 2.25 -14.01 -10.75
C CYS A 51 0.96 -14.49 -11.38
N GLU A 52 1.01 -14.77 -12.67
CA GLU A 52 -0.09 -15.44 -13.35
C GLU A 52 -0.01 -16.95 -13.07
N ALA A 53 -0.94 -17.46 -12.25
CA ALA A 53 -1.02 -18.89 -11.94
C ALA A 53 -2.44 -19.45 -12.13
N SER A 54 -2.55 -20.52 -12.89
CA SER A 54 -3.86 -21.07 -13.23
C SER A 54 -4.18 -22.37 -12.46
N GLY A 55 -3.14 -23.08 -12.01
CA GLY A 55 -3.35 -24.27 -11.18
C GLY A 55 -3.54 -23.98 -9.69
N GLY A 56 -3.58 -22.71 -9.31
CA GLY A 56 -3.67 -22.34 -7.88
C GLY A 56 -3.36 -20.87 -7.64
N GLY A 57 -2.61 -20.60 -6.56
CA GLY A 57 -2.18 -19.23 -6.25
C GLY A 57 -0.70 -19.12 -6.01
N ALA A 58 -0.02 -18.25 -6.74
CA ALA A 58 1.41 -18.06 -6.52
C ALA A 58 1.83 -16.60 -6.60
N PHE A 59 2.90 -16.26 -5.89
CA PHE A 59 3.59 -14.99 -6.09
C PHE A 59 5.10 -15.22 -6.10
N LEU A 60 5.81 -14.29 -6.76
CA LEU A 60 7.28 -14.30 -6.79
C LEU A 60 7.87 -13.42 -5.68
N VAL A 61 8.93 -13.92 -5.07
CA VAL A 61 9.74 -13.18 -4.10
C VAL A 61 11.21 -13.39 -4.49
N LEU A 62 11.91 -12.29 -4.84
CA LEU A 62 13.34 -12.36 -5.10
C LEU A 62 14.18 -11.43 -4.19
N PRO A 63 15.40 -11.88 -3.79
CA PRO A 63 16.35 -10.91 -3.26
C PRO A 63 16.39 -9.72 -4.20
N LEU A 64 16.24 -8.52 -3.64
CA LEU A 64 16.36 -7.27 -4.38
C LEU A 64 17.52 -7.27 -5.38
N GLY A 65 18.64 -7.91 -4.99
CA GLY A 65 19.84 -7.92 -5.80
C GLY A 65 19.81 -8.85 -6.99
N LYS A 66 18.82 -9.73 -7.04
CA LYS A 66 18.73 -10.71 -8.12
C LYS A 66 18.01 -10.05 -9.30
N THR A 67 18.71 -9.13 -9.96
CA THR A 67 18.17 -8.37 -11.11
C THR A 67 18.54 -9.06 -12.43
N GLY A 68 17.95 -8.57 -13.53
CA GLY A 68 18.09 -9.23 -14.85
C GLY A 68 16.88 -10.11 -15.08
N ARG A 69 16.98 -11.02 -16.05
CA ARG A 69 15.93 -11.99 -16.34
C ARG A 69 15.75 -12.97 -15.19
N VAL A 70 14.50 -13.34 -14.93
CA VAL A 70 14.22 -14.37 -13.92
C VAL A 70 14.20 -15.75 -14.58
N ASP A 71 14.91 -16.71 -13.96
CA ASP A 71 14.91 -18.11 -14.41
C ASP A 71 13.47 -18.61 -14.48
N LYS A 72 13.05 -19.10 -15.65
CA LYS A 72 11.66 -19.45 -15.88
C LYS A 72 11.12 -20.41 -14.81
N ASN A 73 12.03 -21.18 -14.19
CA ASN A 73 11.69 -22.17 -13.19
C ASN A 73 11.99 -21.83 -11.73
N VAL A 74 12.11 -20.53 -11.47
CA VAL A 74 12.30 -20.04 -10.12
C VAL A 74 11.21 -20.54 -9.12
N PRO A 75 11.64 -21.01 -7.93
CA PRO A 75 10.76 -21.29 -6.79
C PRO A 75 9.82 -20.14 -6.53
N LEU A 76 8.53 -20.45 -6.36
CA LEU A 76 7.52 -19.45 -6.05
C LEU A 76 6.89 -19.75 -4.68
N VAL A 77 6.22 -18.77 -4.10
CA VAL A 77 5.40 -19.02 -2.93
C VAL A 77 4.04 -19.50 -3.45
N CYS A 78 3.72 -20.78 -3.29
CA CYS A 78 2.48 -21.33 -3.85
C CYS A 78 1.42 -21.49 -2.77
N GLY A 79 1.39 -22.61 -2.08
CA GLY A 79 0.55 -22.73 -0.90
C GLY A 79 -0.94 -22.55 -1.15
N HIS A 80 -1.32 -21.32 -1.54
CA HIS A 80 -2.70 -20.98 -1.96
C HIS A 80 -3.23 -21.91 -3.03
N THR A 81 -4.51 -22.25 -2.93
CA THR A 81 -5.16 -23.09 -3.91
C THR A 81 -5.96 -22.32 -4.94
N ALA A 82 -5.88 -20.99 -4.93
CA ALA A 82 -6.51 -20.17 -5.94
C ALA A 82 -5.77 -18.81 -6.04
N PRO A 83 -6.01 -18.03 -7.13
CA PRO A 83 -5.21 -16.82 -7.36
C PRO A 83 -5.05 -15.88 -6.15
N VAL A 84 -3.82 -15.39 -5.98
CA VAL A 84 -3.49 -14.40 -4.96
C VAL A 84 -3.94 -13.00 -5.44
N LEU A 85 -4.49 -12.22 -4.51
CA LEU A 85 -5.09 -10.92 -4.83
C LEU A 85 -4.35 -9.77 -4.19
N ASP A 86 -3.68 -10.04 -3.08
CA ASP A 86 -2.98 -8.98 -2.34
C ASP A 86 -1.82 -9.54 -1.50
N ILE A 87 -0.70 -8.82 -1.48
CA ILE A 87 0.49 -9.21 -0.72
C ILE A 87 1.04 -7.98 -0.02
N ALA A 88 1.60 -8.15 1.17
CA ALA A 88 2.16 -7.02 1.94
C ALA A 88 3.22 -7.54 2.89
N TRP A 89 4.36 -6.84 2.92
CA TRP A 89 5.44 -7.15 3.87
C TRP A 89 5.10 -6.65 5.27
N CYS A 90 5.46 -7.46 6.24
CA CYS A 90 5.32 -7.11 7.64
C CYS A 90 6.25 -5.95 7.98
N PRO A 91 5.72 -4.86 8.58
CA PRO A 91 6.56 -3.66 8.81
C PRO A 91 7.64 -3.86 9.89
N HIS A 92 7.53 -4.91 10.71
CA HIS A 92 8.49 -5.16 11.79
C HIS A 92 9.30 -6.44 11.62
N ASN A 93 9.20 -7.05 10.44
CA ASN A 93 9.98 -8.22 10.10
C ASN A 93 10.11 -8.33 8.59
N ASP A 94 11.29 -8.02 8.09
CA ASP A 94 11.60 -8.00 6.66
C ASP A 94 11.58 -9.37 5.94
N ASN A 95 11.46 -10.45 6.70
CA ASN A 95 11.39 -11.78 6.15
C ASN A 95 10.00 -12.40 6.14
N VAL A 96 8.98 -11.59 6.47
CA VAL A 96 7.62 -12.10 6.62
C VAL A 96 6.66 -11.33 5.71
N ILE A 97 5.91 -12.07 4.89
CA ILE A 97 4.95 -11.53 3.96
C ILE A 97 3.58 -12.21 4.15
N ALA A 98 2.50 -11.43 4.04
CA ALA A 98 1.13 -11.97 4.06
C ALA A 98 0.55 -11.86 2.67
N SER A 99 -0.29 -12.82 2.31
CA SER A 99 -1.04 -12.78 1.05
C SER A 99 -2.52 -13.12 1.29
N GLY A 100 -3.41 -12.45 0.55
CA GLY A 100 -4.83 -12.77 0.54
C GLY A 100 -5.14 -13.47 -0.77
N SER A 101 -6.09 -14.40 -0.77
CA SER A 101 -6.32 -15.27 -1.92
C SER A 101 -7.79 -15.48 -2.22
N GLU A 102 -8.07 -15.88 -3.46
CA GLU A 102 -9.40 -16.33 -3.88
C GLU A 102 -9.81 -17.64 -3.21
N ASP A 103 -8.84 -18.30 -2.56
CA ASP A 103 -9.16 -19.41 -1.71
C ASP A 103 -9.73 -18.97 -0.35
N CYS A 104 -10.00 -17.68 -0.19
CA CYS A 104 -10.62 -17.12 1.04
C CYS A 104 -9.73 -17.11 2.28
N THR A 105 -8.44 -17.34 2.09
CA THR A 105 -7.51 -17.32 3.21
C THR A 105 -6.51 -16.17 3.08
N VAL A 106 -6.01 -15.74 4.24
CA VAL A 106 -4.73 -15.07 4.34
C VAL A 106 -3.73 -16.12 4.86
N MET A 107 -2.56 -16.17 4.21
CA MET A 107 -1.43 -16.98 4.64
C MET A 107 -0.27 -16.07 4.99
N VAL A 108 0.48 -16.41 6.03
CA VAL A 108 1.62 -15.60 6.44
C VAL A 108 2.87 -16.43 6.21
N TRP A 109 3.81 -15.88 5.44
CA TRP A 109 4.98 -16.66 4.97
C TRP A 109 6.25 -16.12 5.56
N GLU A 110 7.20 -17.04 5.76
CA GLU A 110 8.57 -16.68 6.16
C GLU A 110 9.55 -16.94 5.03
N ILE A 111 10.28 -15.92 4.62
CA ILE A 111 11.25 -16.03 3.55
C ILE A 111 12.67 -16.02 4.14
N PRO A 112 13.49 -17.02 3.79
CA PRO A 112 14.89 -17.06 4.21
C PRO A 112 15.70 -15.94 3.60
N ASP A 113 16.75 -15.51 4.29
CA ASP A 113 17.75 -14.65 3.65
C ASP A 113 18.35 -15.47 2.51
N GLY A 114 18.29 -14.91 1.30
CA GLY A 114 18.79 -15.64 0.13
C GLY A 114 17.62 -16.07 -0.75
N GLY A 115 16.41 -15.82 -0.25
CA GLY A 115 15.20 -16.20 -0.97
C GLY A 115 14.98 -17.69 -0.93
N LEU A 116 14.08 -18.16 -1.79
CA LEU A 116 13.72 -19.56 -1.79
C LEU A 116 14.75 -20.35 -2.58
N VAL A 117 14.88 -21.62 -2.20
CA VAL A 117 15.66 -22.59 -2.97
C VAL A 117 14.65 -23.53 -3.65
N LEU A 118 13.61 -23.88 -2.91
CA LEU A 118 12.51 -24.75 -3.36
C LEU A 118 11.16 -24.03 -3.21
N PRO A 119 10.16 -24.39 -4.04
CA PRO A 119 8.81 -23.79 -3.89
C PRO A 119 8.28 -23.82 -2.43
N LEU A 120 7.68 -22.73 -1.98
CA LEU A 120 7.20 -22.65 -0.61
C LEU A 120 5.69 -22.84 -0.56
N ARG A 121 5.25 -23.85 0.19
CA ARG A 121 3.83 -24.19 0.28
C ARG A 121 3.21 -24.12 1.65
N GLU A 122 3.98 -24.47 2.71
CA GLU A 122 3.49 -24.27 4.06
C GLU A 122 3.77 -22.83 4.54
N PRO A 123 2.72 -22.11 4.95
CA PRO A 123 2.99 -20.82 5.57
C PRO A 123 3.26 -20.97 7.07
N VAL A 124 3.77 -19.91 7.70
CA VAL A 124 3.89 -19.88 9.15
C VAL A 124 2.50 -20.10 9.73
N ILE A 125 1.50 -19.42 9.15
CA ILE A 125 0.12 -19.58 9.56
C ILE A 125 -0.91 -19.34 8.44
N THR A 126 -2.00 -20.10 8.50
CA THR A 126 -3.10 -19.93 7.60
C THR A 126 -4.24 -19.31 8.39
N LEU A 127 -4.71 -18.17 7.92
CA LEU A 127 -5.72 -17.41 8.63
C LEU A 127 -7.08 -17.61 7.98
N GLU A 128 -7.88 -18.45 8.64
CA GLU A 128 -9.20 -18.85 8.15
C GLU A 128 -10.32 -18.09 8.86
N GLY A 129 -11.33 -17.69 8.10
CA GLY A 129 -12.42 -16.86 8.62
C GLY A 129 -13.27 -16.23 7.53
N HIS A 130 -12.63 -15.63 6.54
CA HIS A 130 -13.37 -15.08 5.42
C HIS A 130 -14.06 -16.18 4.61
N THR A 131 -15.29 -15.91 4.20
CA THR A 131 -16.07 -16.83 3.36
C THR A 131 -16.06 -16.49 1.87
N LYS A 132 -15.38 -15.42 1.47
CA LYS A 132 -15.24 -15.03 0.04
C LYS A 132 -13.78 -14.64 -0.17
N ARG A 133 -13.42 -14.32 -1.40
CA ARG A 133 -12.02 -14.03 -1.69
C ARG A 133 -11.53 -12.82 -0.94
N VAL A 134 -10.26 -12.85 -0.56
CA VAL A 134 -9.65 -11.80 0.27
C VAL A 134 -8.68 -11.01 -0.57
N GLY A 135 -9.01 -9.76 -0.82
CA GLY A 135 -8.17 -8.97 -1.73
C GLY A 135 -7.55 -7.74 -1.10
N ILE A 136 -7.55 -7.69 0.24
CA ILE A 136 -6.92 -6.60 0.97
C ILE A 136 -6.30 -7.16 2.22
N VAL A 137 -4.96 -7.10 2.31
CA VAL A 137 -4.28 -7.29 3.56
C VAL A 137 -3.51 -6.02 3.95
N ALA A 138 -3.54 -5.66 5.24
CA ALA A 138 -2.94 -4.39 5.76
C ALA A 138 -2.41 -4.64 7.17
N TRP A 139 -1.09 -4.62 7.28
CA TRP A 139 -0.40 -4.79 8.54
C TRP A 139 -0.61 -3.58 9.41
N HIS A 140 -0.89 -3.79 10.69
CA HIS A 140 -0.83 -2.71 11.68
C HIS A 140 0.55 -2.04 11.69
N PRO A 141 0.59 -0.69 11.70
CA PRO A 141 1.91 -0.03 11.63
C PRO A 141 2.81 -0.10 12.88
N THR A 142 2.22 -0.33 14.07
CA THR A 142 2.94 -0.16 15.34
C THR A 142 2.72 -1.32 16.33
N ALA A 143 1.61 -2.04 16.16
CA ALA A 143 1.28 -3.12 17.08
C ALA A 143 1.84 -4.43 16.54
N GLN A 144 2.69 -5.09 17.32
CA GLN A 144 3.39 -6.30 16.90
C GLN A 144 2.41 -7.37 16.51
N ASN A 145 2.56 -7.89 15.29
CA ASN A 145 1.85 -9.08 14.81
C ASN A 145 0.41 -8.88 14.40
N VAL A 146 -0.02 -7.61 14.34
CA VAL A 146 -1.43 -7.30 14.05
C VAL A 146 -1.67 -7.08 12.58
N LEU A 147 -2.58 -7.90 12.03
CA LEU A 147 -2.84 -7.90 10.60
C LEU A 147 -4.32 -7.79 10.32
N LEU A 148 -4.68 -6.85 9.45
CA LEU A 148 -6.06 -6.70 9.02
C LEU A 148 -6.28 -7.30 7.64
N SER A 149 -7.41 -7.95 7.45
CA SER A 149 -7.83 -8.38 6.11
C SER A 149 -9.28 -8.01 5.83
N ALA A 150 -9.56 -7.68 4.57
CA ALA A 150 -10.91 -7.42 4.14
C ALA A 150 -11.21 -8.35 2.95
N GLY A 151 -12.34 -9.07 3.04
CA GLY A 151 -12.75 -9.95 1.98
C GLY A 151 -13.97 -9.42 1.27
N CYS A 152 -14.34 -10.16 0.24
CA CYS A 152 -15.51 -9.93 -0.56
C CYS A 152 -16.77 -10.48 0.12
N ASP A 153 -16.61 -10.96 1.35
CA ASP A 153 -17.76 -11.17 2.21
C ASP A 153 -18.13 -9.84 2.91
N ASN A 154 -17.43 -8.75 2.54
CA ASN A 154 -17.65 -7.40 3.10
C ASN A 154 -17.39 -7.41 4.64
N VAL A 155 -16.49 -8.28 5.07
CA VAL A 155 -16.13 -8.41 6.46
C VAL A 155 -14.67 -8.00 6.59
N ILE A 156 -14.37 -7.29 7.66
CA ILE A 156 -13.01 -6.98 8.04
C ILE A 156 -12.65 -7.79 9.28
N LEU A 157 -11.51 -8.48 9.18
CA LEU A 157 -11.02 -9.29 10.28
C LEU A 157 -9.66 -8.69 10.66
N VAL A 158 -9.43 -8.55 11.96
CA VAL A 158 -8.10 -8.24 12.49
C VAL A 158 -7.56 -9.46 13.24
N TRP A 159 -6.31 -9.81 12.91
CA TRP A 159 -5.66 -11.02 13.42
C TRP A 159 -4.44 -10.74 14.30
N ASP A 160 -4.24 -11.62 15.26
CA ASP A 160 -2.96 -11.73 15.93
C ASP A 160 -2.24 -12.86 15.22
N VAL A 161 -1.32 -12.49 14.32
CA VAL A 161 -0.50 -13.47 13.59
C VAL A 161 0.33 -14.36 14.53
N GLY A 162 0.69 -13.83 15.70
CA GLY A 162 1.41 -14.61 16.69
C GLY A 162 0.64 -15.77 17.30
N THR A 163 -0.68 -15.64 17.42
CA THR A 163 -1.56 -16.71 17.92
C THR A 163 -2.49 -17.32 16.83
N GLY A 164 -2.48 -16.76 15.63
CA GLY A 164 -3.33 -17.25 14.54
C GLY A 164 -4.80 -16.90 14.70
N ALA A 165 -5.10 -16.01 15.63
CA ALA A 165 -6.47 -15.74 16.05
C ALA A 165 -7.04 -14.49 15.45
N ALA A 166 -8.29 -14.59 14.99
CA ALA A 166 -9.07 -13.40 14.61
C ALA A 166 -9.54 -12.69 15.87
N VAL A 167 -8.96 -11.54 16.15
CA VAL A 167 -9.19 -10.86 17.42
C VAL A 167 -10.28 -9.78 17.37
N LEU A 168 -10.49 -9.17 16.20
CA LEU A 168 -11.64 -8.29 15.97
C LEU A 168 -12.38 -8.60 14.65
N THR A 169 -13.65 -8.20 14.57
CA THR A 169 -14.53 -8.49 13.44
C THR A 169 -15.45 -7.30 13.14
N LEU A 170 -15.37 -6.75 11.94
CA LEU A 170 -16.39 -5.80 11.49
C LEU A 170 -17.26 -6.47 10.43
N GLY A 171 -18.54 -6.67 10.74
CA GLY A 171 -19.42 -7.44 9.88
C GLY A 171 -19.99 -6.63 8.72
N PRO A 172 -20.79 -7.29 7.86
CA PRO A 172 -21.37 -6.57 6.73
C PRO A 172 -22.50 -5.64 7.16
N ASP A 173 -22.78 -5.56 8.45
CA ASP A 173 -23.62 -4.47 8.95
C ASP A 173 -22.82 -3.17 8.95
N VAL A 174 -21.49 -3.28 8.94
CA VAL A 174 -20.64 -2.09 8.91
C VAL A 174 -20.39 -1.63 7.48
N HIS A 175 -20.06 -2.57 6.61
CA HIS A 175 -19.80 -2.28 5.19
C HIS A 175 -20.71 -3.19 4.39
N PRO A 176 -21.86 -2.64 3.97
CA PRO A 176 -22.91 -3.44 3.32
C PRO A 176 -22.59 -3.82 1.88
N ASP A 177 -21.58 -3.16 1.31
CA ASP A 177 -21.14 -3.44 -0.05
C ASP A 177 -19.60 -3.55 -0.09
N THR A 178 -19.07 -3.80 -1.29
CA THR A 178 -17.64 -4.00 -1.52
C THR A 178 -16.72 -2.99 -0.82
N ILE A 179 -15.69 -3.50 -0.16
CA ILE A 179 -14.72 -2.61 0.48
C ILE A 179 -13.59 -2.42 -0.50
N TYR A 180 -13.47 -1.20 -1.00
CA TYR A 180 -12.52 -0.86 -2.03
C TYR A 180 -11.14 -0.68 -1.45
N SER A 181 -11.07 -0.18 -0.21
CA SER A 181 -9.79 0.10 0.44
C SER A 181 -9.89 0.20 1.96
N VAL A 182 -8.80 -0.13 2.62
CA VAL A 182 -8.66 0.07 4.07
C VAL A 182 -7.27 0.60 4.35
N ASP A 183 -7.19 1.65 5.18
CA ASP A 183 -5.92 2.24 5.58
C ASP A 183 -5.83 2.42 7.11
N TRP A 184 -4.69 2.09 7.71
CA TRP A 184 -4.48 2.37 9.14
C TRP A 184 -3.97 3.80 9.31
N SER A 185 -4.39 4.47 10.37
CA SER A 185 -3.76 5.77 10.73
C SER A 185 -2.26 5.64 11.12
N ARG A 186 -1.60 6.79 11.26
CA ARG A 186 -0.19 6.84 11.67
C ARG A 186 0.09 5.96 12.90
N ASP A 187 -0.76 6.07 13.91
CA ASP A 187 -0.56 5.32 15.12
C ASP A 187 -1.38 4.00 15.21
N GLY A 188 -2.07 3.63 14.15
CA GLY A 188 -2.92 2.43 14.18
C GLY A 188 -4.11 2.45 15.13
N ALA A 189 -4.44 3.64 15.65
CA ALA A 189 -5.64 3.83 16.47
C ALA A 189 -6.94 3.79 15.63
N LEU A 190 -6.82 4.09 14.35
CA LEU A 190 -7.97 4.26 13.48
C LEU A 190 -7.74 3.56 12.15
N ILE A 191 -8.83 3.16 11.49
CA ILE A 191 -8.79 2.81 10.07
C ILE A 191 -9.71 3.75 9.28
N CYS A 192 -9.37 3.92 8.00
CA CYS A 192 -10.17 4.62 7.04
C CYS A 192 -10.53 3.59 5.99
N THR A 193 -11.83 3.43 5.74
CA THR A 193 -12.30 2.44 4.78
C THR A 193 -13.12 3.14 3.74
N SER A 194 -13.11 2.58 2.53
CA SER A 194 -13.93 3.12 1.44
C SER A 194 -14.76 2.01 0.86
N CYS A 195 -16.05 2.30 0.69
CA CYS A 195 -17.02 1.27 0.41
C CYS A 195 -17.81 1.57 -0.86
N ARG A 196 -18.23 0.50 -1.52
CA ARG A 196 -19.00 0.64 -2.76
C ARG A 196 -20.35 1.34 -2.52
N ASP A 197 -20.85 1.30 -1.28
CA ASP A 197 -22.06 2.07 -0.93
C ASP A 197 -21.81 3.57 -0.86
N LYS A 198 -20.60 3.99 -1.21
CA LYS A 198 -20.19 5.40 -1.37
C LYS A 198 -19.90 6.20 -0.11
N ARG A 199 -19.84 5.53 1.02
CA ARG A 199 -19.39 6.17 2.25
C ARG A 199 -17.94 5.83 2.57
N VAL A 200 -17.20 6.87 2.93
CA VAL A 200 -15.85 6.69 3.46
C VAL A 200 -15.97 6.74 5.00
N ARG A 201 -15.65 5.64 5.66
CA ARG A 201 -15.79 5.56 7.13
C ARG A 201 -14.46 5.69 7.83
N VAL A 202 -14.45 6.37 8.97
CA VAL A 202 -13.28 6.39 9.87
C VAL A 202 -13.67 5.64 11.14
N ILE A 203 -13.03 4.49 11.37
CA ILE A 203 -13.50 3.56 12.39
C ILE A 203 -12.44 3.28 13.45
N GLU A 204 -12.84 3.36 14.71
CA GLU A 204 -12.03 2.87 15.82
C GLU A 204 -12.30 1.37 15.90
N PRO A 205 -11.41 0.53 15.36
CA PRO A 205 -11.74 -0.87 15.13
C PRO A 205 -11.95 -1.72 16.39
N ARG A 206 -11.37 -1.29 17.50
CA ARG A 206 -11.44 -2.06 18.74
C ARG A 206 -12.83 -1.97 19.38
N LYS A 207 -13.38 -0.76 19.48
CA LYS A 207 -14.77 -0.59 19.90
C LYS A 207 -15.76 -0.48 18.72
N GLY A 208 -15.21 -0.62 17.50
CA GLY A 208 -16.01 -0.75 16.29
C GLY A 208 -16.85 0.47 16.02
N THR A 209 -16.36 1.62 16.46
CA THR A 209 -17.10 2.86 16.39
C THR A 209 -16.72 3.63 15.14
N VAL A 210 -17.72 4.04 14.36
CA VAL A 210 -17.52 4.98 13.25
C VAL A 210 -17.40 6.40 13.85
N VAL A 211 -16.22 6.99 13.76
CA VAL A 211 -16.00 8.29 14.38
C VAL A 211 -16.17 9.43 13.39
N ALA A 212 -16.15 9.12 12.10
CA ALA A 212 -16.35 10.13 11.08
C ALA A 212 -16.71 9.40 9.81
N GLU A 213 -17.59 10.04 9.01
CA GLU A 213 -18.10 9.45 7.80
C GLU A 213 -18.32 10.56 6.80
N LYS A 214 -17.92 10.33 5.55
CA LYS A 214 -18.36 11.20 4.46
C LYS A 214 -19.15 10.37 3.45
N ASP A 215 -20.39 10.76 3.21
CA ASP A 215 -21.21 10.14 2.16
C ASP A 215 -20.91 10.77 0.80
N ARG A 216 -20.57 9.93 -0.18
CA ARG A 216 -20.26 10.38 -1.55
C ARG A 216 -19.22 11.52 -1.61
N PRO A 217 -17.95 11.20 -1.25
CA PRO A 217 -16.87 12.17 -1.51
C PRO A 217 -16.72 12.48 -2.99
N HIS A 218 -17.23 11.59 -3.86
CA HIS A 218 -17.16 11.71 -5.30
C HIS A 218 -18.50 11.28 -5.87
N GLU A 219 -18.84 11.84 -7.03
CA GLU A 219 -20.15 11.65 -7.66
C GLU A 219 -20.23 10.49 -8.66
N GLY A 220 -19.10 10.09 -9.24
CA GLY A 220 -19.07 9.00 -10.21
C GLY A 220 -19.40 7.64 -9.63
N THR A 221 -19.41 6.63 -10.51
CA THR A 221 -19.89 5.31 -10.17
C THR A 221 -18.73 4.35 -9.90
N ARG A 222 -17.52 4.76 -10.28
CA ARG A 222 -16.36 3.92 -10.13
C ARG A 222 -15.72 4.03 -8.73
N PRO A 223 -14.81 3.09 -8.38
CA PRO A 223 -14.27 3.03 -7.03
C PRO A 223 -13.60 4.30 -6.50
N VAL A 224 -13.79 4.53 -5.19
CA VAL A 224 -13.12 5.56 -4.44
C VAL A 224 -12.15 4.83 -3.53
N HIS A 225 -10.89 5.28 -3.52
CA HIS A 225 -9.89 4.84 -2.53
C HIS A 225 -9.62 5.97 -1.54
N ALA A 226 -9.23 5.59 -0.34
CA ALA A 226 -9.01 6.51 0.78
C ALA A 226 -7.79 6.11 1.58
N VAL A 227 -6.97 7.12 1.87
CA VAL A 227 -5.84 7.02 2.76
C VAL A 227 -5.85 8.23 3.73
N PHE A 228 -5.38 7.98 4.94
CA PHE A 228 -5.06 9.04 5.88
C PHE A 228 -3.84 9.78 5.41
N VAL A 229 -3.87 11.10 5.53
CA VAL A 229 -2.70 11.89 5.21
C VAL A 229 -2.20 12.54 6.51
N SER A 230 -1.77 13.79 6.48
CA SER A 230 -1.27 14.45 7.71
C SER A 230 -2.37 14.57 8.73
N GLU A 231 -2.01 14.89 9.97
CA GLU A 231 -2.97 14.93 11.10
C GLU A 231 -4.32 15.56 10.78
N GLY A 232 -5.36 14.79 11.04
CA GLY A 232 -6.73 15.28 10.90
C GLY A 232 -7.33 15.15 9.52
N LYS A 233 -6.54 14.70 8.55
CA LYS A 233 -6.96 14.76 7.17
C LYS A 233 -6.94 13.41 6.50
N ILE A 234 -7.83 13.23 5.53
CA ILE A 234 -7.79 12.08 4.64
C ILE A 234 -7.83 12.54 3.18
N LEU A 235 -7.46 11.61 2.32
CA LEU A 235 -7.39 11.88 0.91
C LEU A 235 -8.17 10.81 0.20
N THR A 236 -8.94 11.24 -0.79
CA THR A 236 -9.66 10.32 -1.67
C THR A 236 -9.25 10.48 -3.14
N THR A 237 -9.28 9.37 -3.87
CA THR A 237 -9.36 9.41 -5.33
C THR A 237 -10.74 8.90 -5.70
N GLY A 238 -11.26 9.38 -6.81
CA GLY A 238 -12.60 8.99 -7.24
C GLY A 238 -12.80 9.48 -8.64
N PHE A 239 -14.06 9.70 -9.01
CA PHE A 239 -14.47 10.02 -10.37
C PHE A 239 -15.67 10.98 -10.30
N SER A 240 -15.79 11.90 -11.26
CA SER A 240 -16.98 12.77 -11.29
C SER A 240 -18.15 12.03 -11.90
N ARG A 241 -19.21 12.77 -12.18
CA ARG A 241 -20.38 12.24 -12.89
C ARG A 241 -19.94 11.78 -14.28
N MET A 242 -19.16 12.62 -14.97
CA MET A 242 -18.63 12.26 -16.27
C MET A 242 -17.33 11.41 -16.30
N SER A 243 -17.09 10.61 -15.27
CA SER A 243 -15.87 9.77 -15.20
C SER A 243 -14.56 10.58 -15.36
N GLU A 244 -14.59 11.82 -14.91
CA GLU A 244 -13.36 12.56 -14.73
C GLU A 244 -12.76 12.16 -13.39
N ARG A 245 -11.48 11.77 -13.41
CA ARG A 245 -10.79 11.37 -12.18
C ARG A 245 -10.46 12.56 -11.31
N GLN A 246 -10.63 12.37 -10.01
CA GLN A 246 -10.48 13.45 -9.04
C GLN A 246 -9.61 13.02 -7.88
N VAL A 247 -8.94 13.98 -7.29
CA VAL A 247 -8.32 13.80 -5.98
C VAL A 247 -8.95 14.85 -5.07
N ALA A 248 -9.22 14.45 -3.85
CA ALA A 248 -9.81 15.36 -2.91
C ALA A 248 -9.13 15.24 -1.56
N LEU A 249 -8.98 16.38 -0.91
CA LEU A 249 -8.47 16.42 0.43
C LEU A 249 -9.59 16.83 1.38
N TRP A 250 -9.74 16.06 2.47
CA TRP A 250 -10.79 16.27 3.47
C TRP A 250 -10.21 16.46 4.89
N ASP A 251 -10.79 17.45 5.57
CA ASP A 251 -10.65 17.70 7.00
C ASP A 251 -11.71 16.85 7.70
N THR A 252 -11.29 15.91 8.55
CA THR A 252 -12.19 14.88 9.08
C THR A 252 -13.19 15.36 10.15
N LYS A 253 -12.92 16.53 10.72
CA LYS A 253 -13.80 17.15 11.68
C LYS A 253 -14.86 17.98 10.97
N HIS A 254 -14.66 18.23 9.67
CA HIS A 254 -15.59 19.03 8.87
C HIS A 254 -15.71 18.48 7.45
N LEU A 255 -16.50 17.43 7.28
CA LEU A 255 -16.50 16.64 6.06
C LEU A 255 -17.45 17.12 4.97
N GLU A 256 -18.10 18.26 5.19
CA GLU A 256 -19.17 18.75 4.33
C GLU A 256 -18.69 19.17 2.95
N GLU A 257 -17.53 19.83 2.92
CA GLU A 257 -16.90 20.24 1.67
C GLU A 257 -15.43 19.81 1.75
N PRO A 258 -14.82 19.46 0.60
CA PRO A 258 -13.39 19.13 0.65
C PRO A 258 -12.53 20.39 0.82
N LEU A 259 -11.39 20.24 1.49
CA LEU A 259 -10.39 21.30 1.57
C LEU A 259 -9.89 21.72 0.19
N SER A 260 -9.80 20.73 -0.68
CA SER A 260 -9.44 20.92 -2.07
C SER A 260 -10.04 19.72 -2.83
N LEU A 261 -10.62 19.99 -4.00
CA LEU A 261 -11.05 18.94 -4.93
C LEU A 261 -10.51 19.26 -6.32
N GLN A 262 -9.72 18.35 -6.89
CA GLN A 262 -9.06 18.64 -8.16
C GLN A 262 -9.28 17.58 -9.21
N GLU A 263 -9.65 18.02 -10.41
CA GLU A 263 -9.96 17.14 -11.54
C GLU A 263 -8.69 16.83 -12.29
N LEU A 264 -8.42 15.54 -12.51
CA LEU A 264 -7.15 15.13 -13.10
C LEU A 264 -7.19 14.90 -14.60
N ASP A 265 -8.03 13.97 -15.04
CA ASP A 265 -8.23 13.64 -16.45
C ASP A 265 -9.34 12.59 -16.57
N THR A 266 -9.84 12.37 -17.78
CA THR A 266 -10.88 11.37 -17.98
C THR A 266 -10.30 10.01 -18.42
N SER A 267 -10.00 9.18 -17.44
CA SER A 267 -9.60 7.78 -17.62
C SER A 267 -10.56 6.91 -16.82
N SER A 268 -10.33 5.61 -16.87
CA SER A 268 -11.22 4.64 -16.26
C SER A 268 -10.52 4.02 -15.07
N GLY A 269 -9.19 4.09 -15.09
CA GLY A 269 -8.34 3.49 -14.08
C GLY A 269 -8.39 4.14 -12.72
N VAL A 270 -8.63 3.32 -11.72
CA VAL A 270 -8.57 3.67 -10.32
C VAL A 270 -7.15 4.17 -9.94
N LEU A 271 -7.07 5.39 -9.40
CA LEU A 271 -5.83 5.93 -8.86
C LEU A 271 -5.56 5.39 -7.46
N LEU A 272 -4.36 4.87 -7.24
CA LEU A 272 -4.00 4.41 -5.91
C LEU A 272 -3.08 5.45 -5.31
N PRO A 273 -3.45 5.95 -4.11
CA PRO A 273 -2.63 6.92 -3.37
C PRO A 273 -1.55 6.25 -2.50
N PHE A 274 -0.37 6.87 -2.49
CA PHE A 274 0.72 6.48 -1.61
C PHE A 274 1.18 7.74 -0.90
N PHE A 275 0.92 7.79 0.40
CA PHE A 275 1.21 8.93 1.24
C PHE A 275 2.49 8.70 2.02
N ASP A 276 3.42 9.63 1.86
CA ASP A 276 4.66 9.66 2.58
C ASP A 276 4.58 10.72 3.68
N PRO A 277 4.41 10.28 4.93
CA PRO A 277 4.36 11.25 6.03
C PRO A 277 5.63 12.02 6.31
N ASP A 278 6.77 11.51 5.85
CA ASP A 278 8.07 12.21 6.10
C ASP A 278 8.22 13.48 5.24
N THR A 279 7.46 13.57 4.15
CA THR A 279 7.53 14.71 3.23
C THR A 279 6.18 15.40 3.03
N ASN A 280 5.10 14.74 3.49
CA ASN A 280 3.72 15.14 3.20
C ASN A 280 3.39 15.17 1.70
N ILE A 281 4.03 14.28 0.96
CA ILE A 281 3.75 14.06 -0.44
C ILE A 281 2.84 12.85 -0.59
N VAL A 282 1.86 12.99 -1.48
CA VAL A 282 1.05 11.87 -1.95
C VAL A 282 1.30 11.60 -3.46
N TYR A 283 1.56 10.35 -3.78
CA TYR A 283 1.74 9.91 -5.15
C TYR A 283 0.50 9.14 -5.60
N LEU A 284 0.06 9.40 -6.83
CA LEU A 284 -1.12 8.78 -7.34
C LEU A 284 -0.78 7.99 -8.60
N CYS A 285 -1.02 6.68 -8.55
CA CYS A 285 -0.92 5.90 -9.78
C CYS A 285 -2.00 4.86 -9.98
N GLY A 286 -2.47 4.77 -11.22
CA GLY A 286 -3.49 3.79 -11.58
C GLY A 286 -2.95 2.70 -12.49
N LYS A 287 -3.53 1.50 -12.38
CA LYS A 287 -3.32 0.44 -13.36
C LYS A 287 -3.91 0.90 -14.67
N GLY A 288 -3.23 0.58 -15.77
CA GLY A 288 -3.55 1.12 -17.08
C GLY A 288 -2.77 2.38 -17.41
N ASP A 289 -2.44 3.17 -16.39
CA ASP A 289 -1.77 4.46 -16.61
C ASP A 289 -0.30 4.29 -16.88
N SER A 290 0.30 5.32 -17.46
CA SER A 290 1.71 5.33 -17.75
C SER A 290 2.45 6.32 -16.88
N SER A 291 1.70 7.10 -16.09
CA SER A 291 2.26 8.17 -15.27
C SER A 291 2.05 7.95 -13.76
N ILE A 292 2.88 8.64 -12.98
CA ILE A 292 2.72 8.74 -11.52
C ILE A 292 2.67 10.22 -11.24
N ARG A 293 1.57 10.70 -10.66
CA ARG A 293 1.49 12.12 -10.28
C ARG A 293 1.83 12.28 -8.81
N TYR A 294 2.22 13.48 -8.43
CA TYR A 294 2.45 13.73 -7.02
C TYR A 294 2.08 15.14 -6.62
N PHE A 295 1.51 15.21 -5.43
CA PHE A 295 1.04 16.43 -4.82
C PHE A 295 1.74 16.60 -3.49
N GLU A 296 1.81 17.85 -3.03
CA GLU A 296 2.21 18.12 -1.67
C GLU A 296 1.02 18.60 -0.82
N ILE A 297 0.95 18.07 0.41
CA ILE A 297 -0.05 18.47 1.39
C ILE A 297 0.49 19.43 2.46
N THR A 298 -0.08 20.63 2.51
CA THR A 298 0.33 21.64 3.50
C THR A 298 -0.87 22.26 4.24
N SER A 299 -0.61 23.14 5.20
CA SER A 299 -1.69 23.76 5.99
C SER A 299 -2.02 25.18 5.52
N GLU A 300 -1.24 25.66 4.54
CA GLU A 300 -1.57 26.86 3.78
C GLU A 300 -2.47 26.47 2.61
N ALA A 301 -3.36 27.39 2.22
CA ALA A 301 -4.19 27.23 1.04
C ALA A 301 -3.32 27.01 -0.20
N PRO A 302 -3.83 26.25 -1.19
CA PRO A 302 -5.04 25.41 -1.18
C PRO A 302 -4.88 24.02 -0.55
N PHE A 303 -3.83 23.81 0.26
CA PHE A 303 -3.68 22.56 1.05
C PHE A 303 -3.18 21.34 0.29
N LEU A 304 -3.76 21.10 -0.90
CA LEU A 304 -3.29 20.05 -1.81
C LEU A 304 -2.73 20.72 -3.06
N HIS A 305 -1.41 20.64 -3.22
CA HIS A 305 -0.71 21.33 -4.32
C HIS A 305 -0.08 20.33 -5.28
N TYR A 306 -0.45 20.44 -6.55
CA TYR A 306 0.15 19.60 -7.56
C TYR A 306 1.65 19.95 -7.62
N LEU A 307 2.48 18.90 -7.55
CA LEU A 307 3.93 19.10 -7.77
C LEU A 307 4.32 18.90 -9.23
N SER A 308 4.20 17.65 -9.68
CA SER A 308 4.52 17.25 -11.04
C SER A 308 4.08 15.79 -11.29
N MET A 309 4.53 15.23 -12.41
CA MET A 309 4.37 13.81 -12.69
C MET A 309 5.58 13.21 -13.39
N PHE A 310 5.80 11.92 -13.13
CA PHE A 310 6.70 11.10 -13.95
C PHE A 310 5.85 10.56 -15.08
N SER A 311 6.19 10.89 -16.31
CA SER A 311 5.51 10.34 -17.47
C SER A 311 6.34 9.32 -18.23
N SER A 312 5.69 8.31 -18.80
CA SER A 312 6.33 7.26 -19.60
C SER A 312 5.38 6.77 -20.69
N LYS A 313 5.89 5.87 -21.54
CA LYS A 313 5.10 5.36 -22.65
C LYS A 313 4.52 4.00 -22.33
N GLU A 314 5.00 3.39 -21.24
CA GLU A 314 4.52 2.09 -20.78
C GLU A 314 3.48 2.19 -19.67
N SER A 315 2.35 1.57 -19.92
CA SER A 315 1.29 1.55 -18.94
C SER A 315 1.57 0.46 -17.91
N GLN A 316 1.32 0.78 -16.64
CA GLN A 316 1.61 -0.13 -15.55
C GLN A 316 0.46 -1.09 -15.19
N ARG A 317 0.85 -2.32 -14.87
CA ARG A 317 -0.09 -3.34 -14.40
C ARG A 317 0.01 -3.51 -12.90
N GLY A 318 0.70 -2.59 -12.24
CA GLY A 318 0.96 -2.74 -10.81
C GLY A 318 2.03 -1.80 -10.33
N MET A 319 2.10 -1.61 -9.00
CA MET A 319 3.07 -0.72 -8.39
C MET A 319 3.41 -1.14 -6.96
N GLY A 320 4.70 -1.18 -6.66
CA GLY A 320 5.21 -1.36 -5.31
C GLY A 320 5.94 -0.09 -4.83
N TYR A 321 6.30 -0.06 -3.56
CA TYR A 321 6.77 1.18 -2.92
C TYR A 321 7.81 0.85 -1.87
N MET A 322 9.06 1.25 -2.11
CA MET A 322 10.16 0.94 -1.19
C MET A 322 10.04 1.73 0.12
N PRO A 323 9.96 1.00 1.26
CA PRO A 323 10.16 1.59 2.58
C PRO A 323 11.41 2.45 2.66
N LYS A 324 11.36 3.46 3.51
CA LYS A 324 12.43 4.41 3.68
C LYS A 324 13.80 3.79 3.91
N ARG A 325 13.85 2.72 4.69
CA ARG A 325 15.15 2.07 5.02
C ARG A 325 15.89 1.54 3.82
N GLY A 326 15.19 1.26 2.74
CA GLY A 326 15.88 0.80 1.55
C GLY A 326 16.30 1.89 0.59
N LEU A 327 16.08 3.16 0.95
CA LEU A 327 16.31 4.31 0.01
C LEU A 327 17.73 4.87 -0.02
N GLU A 328 18.21 5.31 -1.18
CA GLU A 328 19.54 5.90 -1.24
C GLU A 328 19.52 7.34 -0.73
N VAL A 329 19.60 7.44 0.58
CA VAL A 329 19.58 8.68 1.31
C VAL A 329 20.63 9.66 0.86
N ASN A 330 21.82 9.15 0.54
CA ASN A 330 22.89 10.02 0.14
C ASN A 330 22.74 10.45 -1.32
N LYS A 331 21.82 9.80 -2.03
CA LYS A 331 21.50 10.17 -3.41
C LYS A 331 20.21 10.97 -3.48
N CYS A 332 19.77 11.48 -2.34
CA CYS A 332 18.53 12.26 -2.22
C CYS A 332 17.29 11.58 -2.81
N GLU A 333 17.25 10.25 -2.69
CA GLU A 333 16.10 9.48 -3.11
C GLU A 333 15.10 9.51 -1.97
N ILE A 334 13.90 9.99 -2.26
CA ILE A 334 12.83 10.10 -1.23
C ILE A 334 11.71 9.10 -1.41
N ALA A 335 11.72 8.41 -2.56
CA ALA A 335 10.85 7.25 -2.83
C ALA A 335 11.40 6.43 -3.99
N ARG A 336 10.96 5.18 -4.04
CA ARG A 336 11.28 4.34 -5.16
C ARG A 336 10.05 3.50 -5.42
N PHE A 337 9.50 3.68 -6.60
CA PHE A 337 8.39 2.84 -7.07
C PHE A 337 8.89 1.60 -7.81
N TYR A 338 8.19 0.49 -7.59
CA TYR A 338 8.52 -0.74 -8.26
C TYR A 338 7.40 -1.04 -9.25
N LYS A 339 7.65 -0.63 -10.48
CA LYS A 339 6.61 -0.57 -11.51
C LYS A 339 6.50 -1.88 -12.29
N LEU A 340 5.28 -2.44 -12.33
CA LEU A 340 5.01 -3.66 -13.07
C LEU A 340 4.50 -3.38 -14.49
N HIS A 341 5.12 -4.04 -15.45
CA HIS A 341 4.70 -4.02 -16.83
C HIS A 341 4.04 -5.39 -17.02
N GLU A 342 3.95 -5.85 -18.25
CA GLU A 342 3.37 -7.15 -18.53
C GLU A 342 4.29 -8.26 -18.04
N ARG A 343 5.57 -8.10 -18.33
CA ARG A 343 6.57 -9.14 -18.08
C ARG A 343 7.82 -8.60 -17.38
N LYS A 344 7.67 -7.47 -16.71
CA LYS A 344 8.82 -6.71 -16.20
C LYS A 344 8.47 -5.95 -14.95
N CYS A 345 9.40 -5.95 -13.98
CA CYS A 345 9.37 -5.04 -12.83
C CYS A 345 10.51 -4.02 -12.90
N GLU A 346 10.14 -2.74 -12.86
CA GLU A 346 11.08 -1.67 -13.09
C GLU A 346 11.13 -0.68 -11.93
N PRO A 347 12.26 -0.64 -11.19
CA PRO A 347 12.29 0.36 -10.11
C PRO A 347 12.46 1.79 -10.69
N ILE A 348 11.81 2.74 -10.02
CA ILE A 348 11.81 4.15 -10.40
C ILE A 348 12.11 5.02 -9.16
N ALA A 349 13.32 5.55 -9.12
CA ALA A 349 13.78 6.50 -8.09
C ALA A 349 13.08 7.84 -8.23
N MET A 350 12.58 8.35 -7.10
CA MET A 350 12.06 9.70 -6.97
C MET A 350 13.08 10.54 -6.17
N THR A 351 13.54 11.65 -6.77
CA THR A 351 14.74 12.34 -6.29
C THR A 351 14.52 13.84 -6.17
N VAL A 352 15.00 14.41 -5.06
CA VAL A 352 15.08 15.85 -4.87
C VAL A 352 16.48 16.35 -5.21
N PRO A 353 16.60 17.13 -6.30
CA PRO A 353 17.87 17.73 -6.68
C PRO A 353 18.38 18.72 -5.64
N ARG A 354 19.53 18.39 -5.08
CA ARG A 354 20.28 19.27 -4.19
C ARG A 354 21.74 19.17 -4.59
N LYS A 355 22.45 20.29 -4.59
CA LYS A 355 23.91 20.23 -4.78
C LYS A 355 24.60 20.49 -3.45
N SER A 356 24.71 19.44 -2.65
CA SER A 356 25.36 19.47 -1.34
C SER A 356 25.80 18.06 -0.93
N ASP A 357 27.01 18.00 -0.36
CA ASP A 357 27.61 16.75 0.07
C ASP A 357 27.10 16.27 1.44
N LEU A 358 26.50 17.18 2.22
CA LEU A 358 26.01 16.85 3.57
C LEU A 358 24.72 16.05 3.51
N PHE A 359 24.43 15.35 4.60
CA PHE A 359 23.18 14.62 4.76
C PHE A 359 22.04 15.64 4.82
N GLN A 360 21.02 15.45 3.99
CA GLN A 360 19.98 16.44 3.86
C GLN A 360 18.89 16.19 4.88
N GLU A 361 19.16 16.63 6.11
CA GLU A 361 18.30 16.39 7.28
C GLU A 361 16.84 16.74 7.04
N ASP A 362 16.63 17.93 6.49
CA ASP A 362 15.32 18.49 6.19
C ASP A 362 14.50 17.57 5.30
N LEU A 363 15.20 16.78 4.48
CA LEU A 363 14.55 15.78 3.64
C LEU A 363 14.26 14.49 4.39
N TYR A 364 15.04 14.20 5.42
CA TYR A 364 14.95 12.88 6.14
C TYR A 364 14.84 13.05 7.62
N PRO A 365 13.63 13.42 8.11
CA PRO A 365 13.34 13.39 9.54
C PRO A 365 13.31 11.92 9.98
N PRO A 366 13.45 11.66 11.29
CA PRO A 366 13.26 10.32 11.85
C PRO A 366 11.99 9.67 11.30
N THR A 367 12.10 8.40 10.90
CA THR A 367 11.02 7.71 10.17
C THR A 367 10.60 6.44 10.89
N ALA A 368 9.38 6.00 10.66
CA ALA A 368 8.89 4.75 11.25
C ALA A 368 9.92 3.62 11.06
N GLY A 369 10.39 3.06 12.16
CA GLY A 369 11.35 1.96 12.09
C GLY A 369 10.75 0.55 12.07
N PRO A 370 11.61 -0.48 12.10
CA PRO A 370 11.17 -1.90 12.05
C PRO A 370 10.78 -2.52 13.40
N ASP A 371 10.81 -1.75 14.47
CA ASP A 371 10.40 -2.30 15.75
C ASP A 371 9.02 -1.84 16.18
N PRO A 372 8.18 -2.78 16.63
CA PRO A 372 6.81 -2.47 17.03
C PRO A 372 6.85 -1.57 18.26
N ALA A 373 5.91 -0.63 18.38
CA ALA A 373 5.81 0.22 19.58
C ALA A 373 4.93 -0.40 20.64
N LEU A 374 4.05 -1.32 20.20
CA LEU A 374 3.19 -2.09 21.10
C LEU A 374 3.09 -3.56 20.74
N THR A 375 2.76 -4.37 21.74
CA THR A 375 2.37 -5.75 21.46
C THR A 375 0.92 -5.81 20.97
N ALA A 376 0.50 -6.97 20.47
CA ALA A 376 -0.90 -7.15 20.07
C ALA A 376 -1.86 -6.98 21.27
N GLU A 377 -1.56 -7.63 22.39
CA GLU A 377 -2.43 -7.59 23.57
C GLU A 377 -2.59 -6.18 24.14
N GLU A 378 -1.50 -5.42 24.12
CA GLU A 378 -1.49 -4.01 24.55
C GLU A 378 -2.36 -3.11 23.67
N TRP A 379 -2.16 -3.16 22.36
CA TRP A 379 -3.01 -2.41 21.44
C TRP A 379 -4.49 -2.82 21.56
N LEU A 380 -4.74 -4.13 21.69
CA LEU A 380 -6.09 -4.67 21.89
C LEU A 380 -6.75 -4.17 23.16
N GLY A 381 -5.97 -3.97 24.22
CA GLY A 381 -6.49 -3.50 25.49
C GLY A 381 -6.78 -2.01 25.45
N GLY A 382 -6.42 -1.37 24.34
CA GLY A 382 -6.76 0.02 24.09
C GLY A 382 -5.65 1.04 24.23
N ARG A 383 -4.39 0.60 24.28
CA ARG A 383 -3.24 1.51 24.11
C ARG A 383 -3.06 1.86 22.64
N ASP A 384 -2.60 3.09 22.40
CA ASP A 384 -2.22 3.59 21.08
C ASP A 384 -0.81 4.14 21.25
N ALA A 385 -0.05 4.11 20.18
CA ALA A 385 1.28 4.68 20.19
C ALA A 385 1.74 4.77 18.78
N GLY A 386 2.30 5.93 18.41
CA GLY A 386 2.90 6.11 17.11
C GLY A 386 4.12 5.23 16.98
N PRO A 387 4.65 5.12 15.76
CA PRO A 387 5.74 4.20 15.48
C PRO A 387 7.04 4.60 16.18
N LEU A 388 7.86 3.62 16.49
CA LEU A 388 9.21 3.93 16.98
C LEU A 388 10.03 4.48 15.80
N LEU A 389 10.78 5.54 16.04
CA LEU A 389 11.43 6.27 14.96
C LEU A 389 12.93 5.96 14.93
N ILE A 390 13.47 5.93 13.70
CA ILE A 390 14.89 5.70 13.52
C ILE A 390 15.49 6.78 12.64
N SER A 391 16.80 7.01 12.78
CA SER A 391 17.51 7.97 11.93
C SER A 391 17.91 7.24 10.65
N LEU A 392 17.73 7.88 9.51
CA LEU A 392 18.19 7.29 8.26
C LEU A 392 19.65 7.67 7.94
N LYS A 393 20.19 8.62 8.71
CA LYS A 393 21.58 9.05 8.57
C LYS A 393 22.52 7.88 8.85
N ASP A 394 22.08 6.99 9.75
CA ASP A 394 22.65 5.65 9.96
C ASP A 394 24.17 5.65 10.18
#